data_1UOU
#
_entry.id   1UOU
#
_cell.length_a   69.990
_cell.length_b   66.090
_cell.length_c   96.870
_cell.angle_alpha   90.00
_cell.angle_beta   106.54
_cell.angle_gamma   90.00
#
_symmetry.space_group_name_H-M   'C 1 2 1'
#
loop_
_entity.id
_entity.type
_entity.pdbx_description
1 polymer 'THYMIDINE PHOSPHORYLASE'
2 non-polymer '5-CHLORO-6-(1-(2-IMINOPYRROLIDINYL) METHYL) URACIL'
3 water water
#
_entity_poly.entity_id   1
_entity_poly.type   'polypeptide(L)'
_entity_poly.pdbx_seq_one_letter_code
;GSPGIPPAPGDFSGEGSQGLPDPSPEPKQLPELIRMKRDGGRLSEADIRGFVAAVVNGSAQGAQIGAMLMAIRLRGMDLE
ETSVLTQALAQSGQQLEWPEAWRQQLVDKHSTGGVGDKVSLVLAPALAACGCKVPMISGRGLGHTGGTLDKLESIPGFNV
IQSPEQMQVLLDQAGCCIVGQSEQLVPADGILYAARDVTATVDSLPLITASILSKKLVEGLSALVVDVKFGGAAVFPNQE
QARELAKTLVGVGASLGLRVAAALTAMDKPLGRCVGHALEVEEALLCMDGAGPPDLRDLVTTLGGALLWLSGHAGTQAQG
AARVAAALDDGSALGRFERMLAAQGVDPGLARALCSGSPAERRQLLPRAREQEELLAPADGTVELVRALPLALVLHELGA
GRAGEPLRLGVGAELLVDVGQRLRRGTPWLRVHRDGPALSGPQSRALQEALVLSDRAPFAAPLPFAELVLPPQQ
;
_entity_poly.pdbx_strand_id   A
#
loop_
_chem_comp.id
_chem_comp.type
_chem_comp.name
_chem_comp.formula
CMU non-polymer '5-CHLORO-6-(1-(2-IMINOPYRROLIDINYL) METHYL) URACIL' 'C9 H11 Cl N4 O2'
#
# COMPACT_ATOMS: atom_id res chain seq x y z
N PRO A 27 -26.24 -12.68 -24.17
CA PRO A 27 -25.80 -12.49 -22.76
C PRO A 27 -26.12 -13.70 -21.86
N LYS A 28 -25.11 -14.23 -21.14
CA LYS A 28 -25.37 -15.30 -20.15
C LYS A 28 -25.65 -14.74 -18.75
N GLN A 29 -26.51 -15.46 -18.04
CA GLN A 29 -26.78 -15.20 -16.64
C GLN A 29 -25.59 -15.60 -15.77
N LEU A 30 -25.54 -15.02 -14.59
CA LEU A 30 -24.45 -15.23 -13.66
C LEU A 30 -24.22 -16.67 -13.22
N PRO A 31 -25.25 -17.41 -12.81
CA PRO A 31 -25.04 -18.80 -12.40
C PRO A 31 -24.39 -19.66 -13.47
N GLU A 32 -24.68 -19.39 -14.75
CA GLU A 32 -24.04 -20.13 -15.84
C GLU A 32 -22.57 -19.82 -15.87
N LEU A 33 -22.21 -18.55 -15.84
CA LEU A 33 -20.78 -18.21 -15.94
C LEU A 33 -19.96 -18.61 -14.68
N ILE A 34 -20.58 -18.63 -13.50
CA ILE A 34 -19.93 -19.10 -12.28
C ILE A 34 -19.55 -20.57 -12.44
N ARG A 35 -20.48 -21.34 -12.99
CA ARG A 35 -20.29 -22.77 -13.24
C ARG A 35 -19.15 -23.02 -14.17
N MET A 36 -19.04 -22.22 -15.22
CA MET A 36 -17.97 -22.36 -16.19
C MET A 36 -16.63 -22.31 -15.44
N LYS A 37 -16.45 -21.38 -14.51
CA LYS A 37 -15.17 -21.28 -13.81
C LYS A 37 -15.02 -22.30 -12.70
N ARG A 38 -16.13 -22.59 -12.02
CA ARG A 38 -16.13 -23.58 -10.94
C ARG A 38 -15.65 -24.97 -11.45
N ASP A 39 -15.94 -25.30 -12.72
CA ASP A 39 -15.51 -26.60 -13.31
C ASP A 39 -14.14 -26.59 -13.98
N GLY A 40 -13.33 -25.57 -13.75
CA GLY A 40 -11.97 -25.49 -14.28
C GLY A 40 -11.92 -24.89 -15.67
N GLY A 41 -13.07 -24.39 -16.12
CA GLY A 41 -13.22 -23.81 -17.44
C GLY A 41 -12.65 -22.40 -17.55
N ARG A 42 -12.34 -22.02 -18.79
CA ARG A 42 -11.74 -20.74 -19.07
C ARG A 42 -12.87 -19.80 -19.55
N LEU A 43 -12.96 -18.62 -18.97
CA LEU A 43 -13.97 -17.63 -19.34
C LEU A 43 -13.50 -16.83 -20.56
N SER A 44 -14.41 -16.57 -21.50
CA SER A 44 -14.11 -15.81 -22.72
C SER A 44 -13.98 -14.33 -22.36
N GLU A 45 -13.86 -13.44 -23.33
CA GLU A 45 -13.85 -12.00 -23.04
C GLU A 45 -15.24 -11.44 -22.78
N ALA A 46 -16.23 -11.92 -23.52
CA ALA A 46 -17.60 -11.45 -23.29
C ALA A 46 -18.12 -11.93 -21.92
N ASP A 47 -17.66 -13.10 -21.49
CA ASP A 47 -18.03 -13.70 -20.20
C ASP A 47 -17.53 -12.82 -19.06
N ILE A 48 -16.25 -12.47 -19.13
CA ILE A 48 -15.57 -11.64 -18.13
C ILE A 48 -16.27 -10.29 -18.02
N ARG A 49 -16.52 -9.66 -19.17
CA ARG A 49 -17.15 -8.36 -19.26
C ARG A 49 -18.59 -8.36 -18.77
N GLY A 50 -19.30 -9.45 -19.05
CA GLY A 50 -20.66 -9.63 -18.60
C GLY A 50 -20.73 -9.61 -17.08
N PHE A 51 -19.84 -10.39 -16.46
CA PHE A 51 -19.75 -10.49 -15.00
C PHE A 51 -19.45 -9.15 -14.38
N VAL A 52 -18.38 -8.53 -14.86
CA VAL A 52 -17.88 -7.26 -14.35
C VAL A 52 -18.95 -6.21 -14.47
N ALA A 53 -19.65 -6.17 -15.60
CA ALA A 53 -20.69 -5.18 -15.87
C ALA A 53 -21.91 -5.38 -14.96
N ALA A 54 -22.12 -6.62 -14.54
CA ALA A 54 -23.17 -6.99 -13.58
C ALA A 54 -22.75 -6.61 -12.14
N VAL A 55 -21.46 -6.72 -11.85
CA VAL A 55 -20.93 -6.21 -10.58
C VAL A 55 -21.24 -4.72 -10.48
N VAL A 56 -21.02 -4.00 -11.58
CA VAL A 56 -21.16 -2.55 -11.65
C VAL A 56 -22.62 -2.08 -11.49
N ASN A 57 -23.59 -2.82 -12.07
CA ASN A 57 -25.01 -2.37 -12.06
C ASN A 57 -25.86 -2.84 -10.89
N GLY A 58 -25.33 -3.76 -10.06
CA GLY A 58 -26.07 -4.31 -8.92
C GLY A 58 -26.68 -5.70 -9.11
N SER A 59 -26.60 -6.24 -10.33
CA SER A 59 -27.23 -7.51 -10.71
C SER A 59 -26.57 -8.74 -10.13
N ALA A 60 -25.26 -8.77 -10.16
CA ALA A 60 -24.54 -9.77 -9.44
C ALA A 60 -24.78 -9.50 -7.97
N GLN A 61 -25.66 -10.28 -7.34
CA GLN A 61 -25.89 -10.15 -5.89
C GLN A 61 -24.62 -10.52 -5.11
N GLY A 62 -24.51 -10.03 -3.88
CA GLY A 62 -23.40 -10.34 -2.99
C GLY A 62 -22.98 -11.80 -3.01
N ALA A 63 -23.94 -12.71 -2.89
CA ALA A 63 -23.60 -14.13 -2.87
C ALA A 63 -22.98 -14.65 -4.17
N GLN A 64 -23.42 -14.13 -5.30
CA GLN A 64 -22.83 -14.50 -6.59
C GLN A 64 -21.40 -13.96 -6.76
N ILE A 65 -21.16 -12.75 -6.24
CA ILE A 65 -19.83 -12.17 -6.28
C ILE A 65 -18.93 -13.01 -5.37
N GLY A 66 -19.37 -13.34 -4.17
CA GLY A 66 -18.61 -14.19 -3.28
C GLY A 66 -18.30 -15.52 -3.90
N ALA A 67 -19.29 -16.07 -4.62
CA ALA A 67 -19.15 -17.39 -5.27
C ALA A 67 -18.18 -17.38 -6.44
N MET A 68 -18.15 -16.31 -7.22
CA MET A 68 -17.28 -16.28 -8.40
C MET A 68 -15.87 -16.00 -7.93
N LEU A 69 -15.76 -15.15 -6.93
CA LEU A 69 -14.45 -14.84 -6.42
C LEU A 69 -13.81 -16.11 -5.90
N MET A 70 -14.57 -16.95 -5.20
CA MET A 70 -13.99 -18.15 -4.59
C MET A 70 -13.70 -19.16 -5.69
N ALA A 71 -14.57 -19.18 -6.69
CA ALA A 71 -14.36 -20.03 -7.85
C ALA A 71 -13.05 -19.67 -8.59
N ILE A 72 -12.77 -18.37 -8.74
CA ILE A 72 -11.51 -17.92 -9.35
C ILE A 72 -10.32 -18.22 -8.44
N ARG A 73 -10.47 -17.97 -7.15
CA ARG A 73 -9.41 -18.15 -6.17
C ARG A 73 -8.90 -19.59 -6.18
N LEU A 74 -9.81 -20.55 -6.37
CA LEU A 74 -9.49 -21.96 -6.25
C LEU A 74 -9.15 -22.63 -7.56
N ARG A 75 -9.72 -22.13 -8.67
CA ARG A 75 -9.52 -22.73 -10.00
C ARG A 75 -8.61 -21.91 -10.92
N GLY A 76 -8.31 -20.69 -10.50
CA GLY A 76 -7.31 -19.86 -11.15
C GLY A 76 -7.77 -19.27 -12.46
N MET A 77 -6.94 -18.41 -13.03
CA MET A 77 -7.15 -17.93 -14.40
C MET A 77 -5.79 -17.95 -15.05
N ASP A 78 -5.72 -18.13 -16.38
CA ASP A 78 -4.44 -18.03 -17.07
C ASP A 78 -4.34 -16.63 -17.70
N LEU A 79 -3.18 -16.33 -18.26
CA LEU A 79 -2.76 -14.95 -18.54
C LEU A 79 -3.69 -14.20 -19.49
N GLU A 80 -4.26 -14.90 -20.46
CA GLU A 80 -5.20 -14.27 -21.38
C GLU A 80 -6.40 -13.74 -20.57
N GLU A 81 -6.89 -14.58 -19.66
CA GLU A 81 -8.02 -14.24 -18.82
C GLU A 81 -7.74 -13.09 -17.82
N THR A 82 -6.55 -13.10 -17.21
CA THR A 82 -6.15 -12.10 -16.24
C THR A 82 -6.07 -10.76 -16.93
N SER A 83 -5.40 -10.76 -18.06
CA SER A 83 -5.34 -9.62 -18.96
C SER A 83 -6.72 -9.03 -19.25
N VAL A 84 -7.66 -9.86 -19.69
CA VAL A 84 -9.01 -9.36 -19.98
C VAL A 84 -9.68 -8.84 -18.71
N LEU A 85 -9.50 -9.53 -17.59
CA LEU A 85 -10.08 -9.10 -16.31
C LEU A 85 -9.61 -7.67 -16.01
N THR A 86 -8.33 -7.44 -16.25
CA THR A 86 -7.67 -6.17 -16.02
C THR A 86 -8.21 -5.08 -16.91
N GLN A 87 -8.26 -5.35 -18.22
CA GLN A 87 -8.91 -4.45 -19.19
C GLN A 87 -10.35 -4.10 -18.80
N ALA A 88 -11.08 -5.07 -18.25
CA ALA A 88 -12.51 -4.91 -17.93
C ALA A 88 -12.76 -4.05 -16.69
N LEU A 89 -11.94 -4.22 -15.66
CA LEU A 89 -12.00 -3.39 -14.46
C LEU A 89 -11.52 -1.97 -14.79
N ALA A 90 -10.49 -1.87 -15.60
CA ALA A 90 -9.99 -0.58 -16.07
C ALA A 90 -11.07 0.21 -16.82
N GLN A 91 -11.85 -0.51 -17.64
CA GLN A 91 -12.86 0.08 -18.54
C GLN A 91 -14.28 0.22 -17.92
N SER A 92 -14.44 -0.22 -16.67
CA SER A 92 -15.68 0.02 -15.92
C SER A 92 -15.85 1.52 -15.58
N GLY A 93 -14.77 2.27 -15.75
CA GLY A 93 -14.75 3.69 -15.50
C GLY A 93 -13.98 4.42 -16.60
N GLN A 94 -13.58 5.65 -16.36
CA GLN A 94 -12.89 6.44 -17.37
C GLN A 94 -11.40 6.05 -17.42
N GLN A 95 -10.81 6.18 -18.61
CA GLN A 95 -9.34 6.20 -18.80
C GLN A 95 -8.88 7.65 -18.64
N LEU A 96 -7.78 7.87 -17.89
CA LEU A 96 -7.33 9.22 -17.55
C LEU A 96 -6.38 9.68 -18.63
N GLU A 97 -6.44 10.98 -18.92
CA GLU A 97 -5.65 11.60 -20.00
C GLU A 97 -4.96 12.84 -19.51
N TRP A 98 -3.73 13.03 -19.98
CA TRP A 98 -2.92 14.15 -19.57
C TRP A 98 -2.35 14.95 -20.76
N PRO A 99 -1.97 16.21 -20.52
CA PRO A 99 -1.31 16.97 -21.57
C PRO A 99 -0.08 16.24 -22.09
N GLU A 100 0.12 16.16 -23.40
CA GLU A 100 1.20 15.38 -23.98
C GLU A 100 2.54 15.64 -23.29
N ALA A 101 2.76 16.88 -22.85
CA ALA A 101 4.00 17.31 -22.20
C ALA A 101 4.37 16.52 -20.92
N TRP A 102 3.40 15.87 -20.29
CA TRP A 102 3.62 15.13 -19.03
C TRP A 102 3.95 13.65 -19.23
N ARG A 103 3.76 13.17 -20.45
CA ARG A 103 3.78 11.73 -20.79
C ARG A 103 4.88 10.94 -20.07
N GLN A 104 6.13 11.33 -20.30
CA GLN A 104 7.31 10.65 -19.78
C GLN A 104 7.61 10.94 -18.29
N GLN A 105 6.90 11.90 -17.68
CA GLN A 105 7.03 12.23 -16.26
C GLN A 105 6.02 11.50 -15.34
N LEU A 106 4.98 10.88 -15.92
CA LEU A 106 3.92 10.17 -15.18
C LEU A 106 4.43 8.82 -14.69
N VAL A 107 4.55 8.65 -13.36
CA VAL A 107 4.97 7.38 -12.80
C VAL A 107 4.18 7.07 -11.54
N ASP A 108 4.24 5.82 -11.12
CA ASP A 108 3.58 5.41 -9.90
C ASP A 108 4.31 4.22 -9.28
N LYS A 109 4.03 3.99 -8.00
CA LYS A 109 4.59 2.89 -7.23
C LYS A 109 3.51 2.25 -6.40
N HIS A 110 3.24 0.97 -6.66
CA HIS A 110 2.23 0.26 -5.91
C HIS A 110 2.84 -0.89 -5.12
N SER A 111 2.28 -1.19 -3.96
CA SER A 111 2.76 -2.31 -3.14
C SER A 111 1.70 -3.42 -3.09
N THR A 112 2.13 -4.69 -3.02
CA THR A 112 1.20 -5.79 -2.84
C THR A 112 0.99 -6.00 -1.36
N GLY A 113 1.60 -5.18 -0.53
CA GLY A 113 1.15 -5.09 0.83
C GLY A 113 2.13 -5.58 1.86
N GLY A 114 2.29 -4.75 2.86
CA GLY A 114 3.15 -5.02 3.98
C GLY A 114 2.73 -4.22 5.19
N VAL A 115 3.01 -4.79 6.35
CA VAL A 115 2.69 -4.21 7.62
C VAL A 115 3.63 -3.04 7.97
N GLY A 116 3.02 -1.91 8.31
CA GLY A 116 3.75 -0.67 8.50
C GLY A 116 4.32 -0.09 7.22
N ASP A 117 3.90 -0.53 6.04
CA ASP A 117 4.48 0.01 4.82
C ASP A 117 3.80 1.35 4.45
N LYS A 118 4.44 2.46 4.82
CA LYS A 118 3.96 3.80 4.52
C LYS A 118 4.83 4.46 3.45
N VAL A 119 5.49 3.64 2.66
CA VAL A 119 6.40 4.13 1.63
C VAL A 119 5.65 5.02 0.62
N SER A 120 4.45 4.65 0.21
CA SER A 120 3.67 5.42 -0.74
C SER A 120 3.38 6.86 -0.29
N LEU A 121 3.12 7.07 0.99
CA LEU A 121 2.80 8.40 1.50
C LEU A 121 3.94 9.36 1.29
N VAL A 122 5.15 8.84 1.37
CA VAL A 122 6.40 9.62 1.25
C VAL A 122 6.78 9.80 -0.21
N LEU A 123 6.55 8.75 -0.99
CA LEU A 123 7.18 8.58 -2.28
C LEU A 123 6.40 9.37 -3.34
N ALA A 124 5.08 9.42 -3.19
CA ALA A 124 4.28 10.22 -4.11
C ALA A 124 4.74 11.69 -4.11
N PRO A 125 4.83 12.37 -2.96
CA PRO A 125 5.38 13.74 -2.92
C PRO A 125 6.88 13.83 -3.20
N ALA A 126 7.67 12.87 -2.73
CA ALA A 126 9.12 12.95 -3.01
C ALA A 126 9.35 12.95 -4.52
N LEU A 127 8.60 12.13 -5.23
CA LEU A 127 8.80 11.97 -6.68
C LEU A 127 8.26 13.18 -7.42
N ALA A 128 7.18 13.77 -6.91
CA ALA A 128 6.68 15.01 -7.48
C ALA A 128 7.75 16.12 -7.39
N ALA A 129 8.52 16.11 -6.32
CA ALA A 129 9.56 17.11 -6.07
C ALA A 129 10.81 16.84 -6.88
N CYS A 130 10.90 15.66 -7.49
CA CYS A 130 11.92 15.33 -8.48
C CYS A 130 11.42 15.60 -9.90
N GLY A 131 10.24 16.21 -10.07
CA GLY A 131 9.71 16.57 -11.39
C GLY A 131 8.80 15.53 -12.04
N CYS A 132 8.36 14.52 -11.29
CA CYS A 132 7.44 13.51 -11.81
C CYS A 132 6.03 13.99 -11.51
N LYS A 133 5.06 13.42 -12.21
CA LYS A 133 3.66 13.60 -11.88
C LYS A 133 3.17 12.25 -11.42
N VAL A 134 2.47 12.21 -10.30
CA VAL A 134 2.06 10.93 -9.70
C VAL A 134 0.57 10.91 -9.31
N PRO A 135 -0.30 10.42 -10.21
CA PRO A 135 -1.72 10.22 -9.92
C PRO A 135 -2.03 8.82 -9.36
N MET A 136 -1.65 8.58 -8.12
CA MET A 136 -1.82 7.26 -7.48
C MET A 136 -3.28 6.99 -7.16
N ILE A 137 -3.82 5.97 -7.82
CA ILE A 137 -5.06 5.34 -7.41
C ILE A 137 -4.64 4.17 -6.50
N SER A 138 -5.10 4.23 -5.25
CA SER A 138 -4.74 3.25 -4.21
C SER A 138 -6.04 2.73 -3.56
N GLY A 139 -5.93 1.91 -2.52
CA GLY A 139 -7.11 1.34 -1.90
C GLY A 139 -7.13 1.32 -0.38
N ARG A 140 -8.06 0.56 0.18
CA ARG A 140 -8.23 0.49 1.63
C ARG A 140 -7.60 -0.76 2.18
N GLY A 141 -7.89 -1.03 3.45
CA GLY A 141 -7.37 -2.19 4.13
C GLY A 141 -7.81 -3.39 3.34
N LEU A 142 -6.89 -4.29 3.07
CA LEU A 142 -7.20 -5.54 2.41
C LEU A 142 -6.41 -6.65 3.02
N GLY A 143 -7.13 -7.63 3.52
CA GLY A 143 -6.56 -8.70 4.31
C GLY A 143 -6.26 -8.15 5.69
N HIS A 144 -5.00 -8.25 6.06
CA HIS A 144 -4.49 -7.73 7.32
C HIS A 144 -3.41 -6.68 7.05
N THR A 145 -3.21 -6.30 5.78
CA THR A 145 -2.37 -5.15 5.47
C THR A 145 -3.28 -3.91 5.45
N GLY A 146 -2.79 -2.80 5.97
CA GLY A 146 -3.53 -1.56 6.00
C GLY A 146 -3.40 -0.83 4.68
N GLY A 147 -4.27 0.12 4.45
CA GLY A 147 -4.40 0.75 3.15
C GLY A 147 -4.13 2.23 3.22
N THR A 148 -3.51 2.72 2.17
CA THR A 148 -3.00 4.07 2.09
C THR A 148 -4.17 5.04 2.28
N LEU A 149 -5.27 4.73 1.60
CA LEU A 149 -6.49 5.54 1.69
C LEU A 149 -6.94 5.68 3.15
N ASP A 150 -6.94 4.59 3.91
CA ASP A 150 -7.34 4.68 5.30
C ASP A 150 -6.36 5.54 6.09
N LYS A 151 -5.08 5.43 5.78
CA LYS A 151 -4.07 6.23 6.47
C LYS A 151 -4.26 7.76 6.23
N LEU A 152 -4.42 8.17 4.98
CA LEU A 152 -4.62 9.58 4.64
C LEU A 152 -5.87 10.18 5.24
N GLU A 153 -6.85 9.33 5.46
CA GLU A 153 -8.14 9.73 6.01
C GLU A 153 -8.11 10.10 7.48
N SER A 154 -7.06 9.71 8.17
CA SER A 154 -6.83 10.17 9.52
C SER A 154 -6.59 11.67 9.55
N ILE A 155 -6.24 12.25 8.43
CA ILE A 155 -6.01 13.71 8.36
C ILE A 155 -7.36 14.42 8.20
N PRO A 156 -7.81 15.23 9.15
CA PRO A 156 -9.12 15.87 9.00
C PRO A 156 -9.28 16.62 7.67
N GLY A 157 -10.36 16.28 6.98
CA GLY A 157 -10.75 16.93 5.76
C GLY A 157 -10.12 16.36 4.51
N PHE A 158 -9.24 15.35 4.64
CA PHE A 158 -8.63 14.69 3.48
C PHE A 158 -9.64 13.77 2.81
N ASN A 159 -9.97 14.10 1.56
CA ASN A 159 -10.98 13.41 0.74
C ASN A 159 -10.36 12.60 -0.38
N VAL A 160 -10.64 11.30 -0.40
CA VAL A 160 -9.96 10.41 -1.35
C VAL A 160 -10.70 10.31 -2.68
N ILE A 161 -11.96 10.71 -2.69
CA ILE A 161 -12.74 10.65 -3.91
C ILE A 161 -12.50 11.94 -4.65
N GLN A 162 -11.94 11.77 -5.84
CA GLN A 162 -11.54 12.91 -6.63
C GLN A 162 -11.82 12.56 -8.08
N SER A 163 -12.45 13.46 -8.82
CA SER A 163 -12.84 13.18 -10.21
C SER A 163 -11.65 13.30 -11.15
N PRO A 164 -11.71 12.81 -12.39
CA PRO A 164 -10.64 13.02 -13.39
C PRO A 164 -10.19 14.48 -13.62
N GLU A 165 -11.15 15.39 -13.82
CA GLU A 165 -10.86 16.84 -13.93
C GLU A 165 -10.17 17.33 -12.65
N GLN A 166 -10.69 17.01 -11.48
CA GLN A 166 -10.05 17.44 -10.23
C GLN A 166 -8.60 16.89 -10.08
N MET A 167 -8.38 15.65 -10.53
CA MET A 167 -7.05 15.04 -10.47
C MET A 167 -6.04 15.82 -11.35
N GLN A 168 -6.47 16.39 -12.47
CA GLN A 168 -5.58 17.22 -13.30
C GLN A 168 -5.17 18.48 -12.60
N VAL A 169 -6.08 19.06 -11.82
CA VAL A 169 -5.76 20.20 -11.00
C VAL A 169 -4.78 19.78 -9.88
N LEU A 170 -4.98 18.61 -9.27
CA LEU A 170 -4.05 18.12 -8.23
C LEU A 170 -2.65 17.96 -8.80
N LEU A 171 -2.53 17.51 -10.04
CA LEU A 171 -1.20 17.28 -10.61
C LEU A 171 -0.52 18.60 -10.93
N ASP A 172 -1.33 19.63 -11.22
CA ASP A 172 -0.83 20.99 -11.48
C ASP A 172 -0.27 21.69 -10.28
N GLN A 173 -1.02 21.59 -9.18
CA GLN A 173 -0.72 22.28 -7.94
C GLN A 173 0.34 21.58 -7.11
N ALA A 174 0.37 20.24 -7.12
CA ALA A 174 1.16 19.46 -6.16
C ALA A 174 2.16 18.49 -6.81
N GLY A 175 1.92 18.14 -8.08
CA GLY A 175 2.66 17.14 -8.80
C GLY A 175 2.17 15.72 -8.55
N CYS A 176 1.22 15.56 -7.65
CA CYS A 176 0.80 14.25 -7.19
C CYS A 176 -0.54 14.26 -6.47
N CYS A 177 -1.15 13.09 -6.38
CA CYS A 177 -2.34 12.87 -5.54
C CYS A 177 -2.51 11.43 -5.16
N ILE A 178 -3.37 11.19 -4.19
CA ILE A 178 -3.68 9.84 -3.75
C ILE A 178 -5.16 9.76 -3.56
N VAL A 179 -5.79 8.99 -4.43
CA VAL A 179 -7.23 8.93 -4.51
C VAL A 179 -7.66 7.46 -4.52
N GLY A 180 -8.90 7.21 -4.11
CA GLY A 180 -9.47 5.89 -4.19
C GLY A 180 -10.27 5.65 -5.48
N GLN A 181 -10.77 4.42 -5.56
CA GLN A 181 -11.68 4.04 -6.61
C GLN A 181 -13.01 4.65 -6.29
N SER A 182 -13.81 4.82 -7.33
CA SER A 182 -15.06 5.54 -7.22
C SER A 182 -15.96 5.21 -8.40
N GLU A 183 -17.12 5.89 -8.47
CA GLU A 183 -18.04 5.75 -9.60
C GLU A 183 -17.33 5.94 -10.95
N GLN A 184 -16.39 6.88 -11.05
CA GLN A 184 -15.73 7.15 -12.33
C GLN A 184 -14.36 6.49 -12.55
N LEU A 185 -13.72 5.96 -11.51
CA LEU A 185 -12.43 5.27 -11.67
C LEU A 185 -12.48 3.86 -11.12
N VAL A 186 -12.34 2.88 -12.02
CA VAL A 186 -12.26 1.48 -11.65
C VAL A 186 -13.28 1.11 -10.57
N PRO A 187 -14.56 1.48 -10.76
CA PRO A 187 -15.60 1.19 -9.77
C PRO A 187 -15.71 -0.30 -9.44
N ALA A 188 -15.56 -1.12 -10.47
CA ALA A 188 -15.64 -2.57 -10.33
C ALA A 188 -14.51 -3.15 -9.50
N ASP A 189 -13.34 -2.54 -9.50
CA ASP A 189 -12.27 -3.03 -8.62
C ASP A 189 -12.56 -2.66 -7.20
N GLY A 190 -13.19 -1.52 -6.96
CA GLY A 190 -13.62 -1.17 -5.62
C GLY A 190 -14.62 -2.12 -5.02
N ILE A 191 -15.55 -2.60 -5.83
CA ILE A 191 -16.57 -3.52 -5.32
C ILE A 191 -15.98 -4.93 -5.09
N LEU A 192 -15.27 -5.47 -6.08
CA LEU A 192 -14.56 -6.74 -5.94
C LEU A 192 -13.52 -6.73 -4.81
N TYR A 193 -12.84 -5.60 -4.64
CA TYR A 193 -11.81 -5.37 -3.60
C TYR A 193 -12.42 -5.49 -2.20
N ALA A 194 -13.57 -4.82 -2.00
CA ALA A 194 -14.26 -4.85 -0.70
C ALA A 194 -14.78 -6.27 -0.39
N ALA A 195 -15.14 -6.99 -1.44
CA ALA A 195 -15.73 -8.33 -1.30
C ALA A 195 -14.64 -9.39 -0.99
N ARG A 196 -13.49 -9.27 -1.65
CA ARG A 196 -12.35 -10.12 -1.41
C ARG A 196 -11.86 -10.03 0.01
N ASP A 197 -11.95 -8.84 0.56
CA ASP A 197 -11.44 -8.57 1.90
C ASP A 197 -12.08 -9.46 2.95
N VAL A 198 -13.36 -9.80 2.74
CA VAL A 198 -14.13 -10.54 3.76
C VAL A 198 -14.35 -12.03 3.43
N THR A 199 -13.90 -12.48 2.25
CA THR A 199 -14.20 -13.81 1.74
C THR A 199 -12.99 -14.68 1.44
N ALA A 200 -11.82 -14.33 1.96
CA ALA A 200 -10.63 -15.14 1.75
C ALA A 200 -10.37 -15.40 0.24
N THR A 201 -10.54 -14.35 -0.54
CA THR A 201 -10.11 -14.37 -1.93
C THR A 201 -9.19 -13.16 -2.21
N VAL A 202 -8.43 -12.75 -1.21
CA VAL A 202 -7.40 -11.75 -1.39
C VAL A 202 -6.15 -12.36 -2.07
N ASP A 203 -5.64 -13.47 -1.56
CA ASP A 203 -4.39 -14.03 -2.08
C ASP A 203 -4.55 -14.83 -3.40
N SER A 204 -5.14 -14.19 -4.40
CA SER A 204 -5.36 -14.78 -5.72
C SER A 204 -4.49 -14.02 -6.70
N LEU A 205 -3.53 -14.70 -7.32
CA LEU A 205 -2.63 -14.06 -8.27
C LEU A 205 -3.42 -13.22 -9.29
N PRO A 206 -4.29 -13.84 -10.09
CA PRO A 206 -5.05 -13.07 -11.09
C PRO A 206 -5.92 -11.94 -10.51
N LEU A 207 -6.46 -12.12 -9.32
CA LEU A 207 -7.26 -11.04 -8.74
C LEU A 207 -6.39 -9.86 -8.30
N ILE A 208 -5.22 -10.14 -7.74
CA ILE A 208 -4.27 -9.10 -7.34
C ILE A 208 -3.77 -8.37 -8.59
N THR A 209 -3.21 -9.12 -9.54
CA THR A 209 -2.72 -8.57 -10.80
C THR A 209 -3.74 -7.64 -11.46
N ALA A 210 -4.98 -8.08 -11.56
CA ALA A 210 -5.99 -7.29 -12.27
C ALA A 210 -6.41 -6.09 -11.43
N SER A 211 -6.43 -6.24 -10.11
CA SER A 211 -6.73 -5.13 -9.22
C SER A 211 -5.62 -4.04 -9.30
N ILE A 212 -4.36 -4.42 -9.15
CA ILE A 212 -3.25 -3.49 -9.24
C ILE A 212 -3.13 -2.93 -10.65
N LEU A 213 -2.96 -3.78 -11.66
CA LEU A 213 -2.77 -3.30 -13.03
C LEU A 213 -3.94 -2.46 -13.54
N SER A 214 -5.17 -2.81 -13.23
CA SER A 214 -6.32 -2.02 -13.71
C SER A 214 -6.19 -0.55 -13.27
N LYS A 215 -5.91 -0.35 -11.98
CA LYS A 215 -5.73 0.98 -11.42
C LYS A 215 -4.64 1.75 -12.17
N LYS A 216 -3.52 1.07 -12.39
CA LYS A 216 -2.34 1.71 -12.92
C LYS A 216 -2.53 1.96 -14.40
N LEU A 217 -3.32 1.14 -15.09
CA LEU A 217 -3.62 1.35 -16.50
C LEU A 217 -4.38 2.63 -16.75
N VAL A 218 -5.33 2.96 -15.87
CA VAL A 218 -6.15 4.14 -16.08
C VAL A 218 -5.37 5.41 -15.75
N GLU A 219 -4.22 5.26 -15.09
CA GLU A 219 -3.37 6.39 -14.76
C GLU A 219 -2.58 6.91 -15.96
N GLY A 220 -2.48 6.11 -17.01
CA GLY A 220 -1.81 6.47 -18.26
C GLY A 220 -0.35 6.78 -18.05
N LEU A 221 0.37 5.83 -17.47
CA LEU A 221 1.72 6.05 -16.96
C LEU A 221 2.76 5.72 -17.98
N SER A 222 3.96 6.26 -17.83
CA SER A 222 5.08 5.83 -18.64
C SER A 222 5.86 4.72 -17.95
N ALA A 223 5.75 4.64 -16.62
CA ALA A 223 6.45 3.61 -15.89
C ALA A 223 5.81 3.38 -14.54
N LEU A 224 5.86 2.13 -14.09
CA LEU A 224 5.27 1.67 -12.86
C LEU A 224 6.22 0.70 -12.19
N VAL A 225 6.38 0.83 -10.87
CA VAL A 225 7.16 -0.13 -10.10
C VAL A 225 6.26 -0.72 -9.03
N VAL A 226 6.31 -2.03 -8.86
CA VAL A 226 5.47 -2.67 -7.86
C VAL A 226 6.29 -3.46 -6.83
N ASP A 227 6.17 -3.04 -5.58
CA ASP A 227 6.86 -3.63 -4.44
C ASP A 227 6.13 -4.92 -4.08
N VAL A 228 6.75 -6.08 -4.29
CA VAL A 228 6.19 -7.39 -3.93
C VAL A 228 6.89 -7.89 -2.66
N LYS A 229 6.16 -8.01 -1.58
CA LYS A 229 6.78 -8.40 -0.30
C LYS A 229 6.52 -9.86 0.01
N PHE A 230 7.42 -10.46 0.76
CA PHE A 230 7.26 -11.84 1.21
C PHE A 230 7.83 -12.07 2.61
N GLY A 231 7.32 -13.09 3.32
CA GLY A 231 7.88 -13.49 4.60
C GLY A 231 7.23 -12.87 5.81
N ALA A 234 3.23 -10.41 4.66
CA ALA A 234 3.02 -10.17 3.23
C ALA A 234 1.97 -11.13 2.68
N VAL A 235 1.30 -10.76 1.58
CA VAL A 235 0.21 -11.58 1.03
C VAL A 235 0.64 -13.01 0.61
N PHE A 236 1.92 -13.19 0.29
CA PHE A 236 2.44 -14.50 -0.09
C PHE A 236 3.70 -14.82 0.70
N PRO A 237 3.53 -15.33 1.92
CA PRO A 237 4.67 -15.56 2.83
C PRO A 237 5.86 -16.25 2.14
N ASN A 238 5.55 -17.07 1.14
CA ASN A 238 6.54 -17.92 0.51
C ASN A 238 7.25 -17.21 -0.64
N GLN A 239 8.58 -17.27 -0.63
CA GLN A 239 9.39 -16.65 -1.67
C GLN A 239 8.94 -17.07 -3.09
N GLU A 240 8.63 -18.34 -3.30
CA GLU A 240 8.22 -18.89 -4.60
C GLU A 240 6.99 -18.21 -5.24
N GLN A 241 5.97 -18.01 -4.40
CA GLN A 241 4.72 -17.36 -4.80
C GLN A 241 4.89 -15.87 -5.13
N ALA A 242 5.67 -15.17 -4.31
CA ALA A 242 5.98 -13.78 -4.56
C ALA A 242 6.63 -13.56 -5.92
N ARG A 243 7.54 -14.48 -6.32
CA ARG A 243 8.26 -14.36 -7.60
C ARG A 243 7.27 -14.54 -8.73
N GLU A 244 6.32 -15.46 -8.54
CA GLU A 244 5.34 -15.75 -9.56
C GLU A 244 4.43 -14.53 -9.73
N LEU A 245 4.03 -13.94 -8.61
CA LEU A 245 3.26 -12.70 -8.67
C LEU A 245 4.02 -11.56 -9.43
N ALA A 246 5.30 -11.41 -9.11
CA ALA A 246 6.14 -10.38 -9.72
C ALA A 246 6.24 -10.50 -11.22
N LYS A 247 6.36 -11.72 -11.73
CA LYS A 247 6.56 -11.93 -13.16
C LYS A 247 5.23 -11.89 -13.88
N THR A 248 4.16 -12.05 -13.11
CA THR A 248 2.79 -11.98 -13.61
C THR A 248 2.31 -10.53 -13.70
N LEU A 249 2.70 -9.72 -12.71
CA LEU A 249 2.47 -8.29 -12.77
C LEU A 249 3.22 -7.72 -13.97
N VAL A 250 4.45 -8.16 -14.12
CA VAL A 250 5.35 -7.58 -15.11
C VAL A 250 5.01 -8.03 -16.52
N GLY A 251 4.67 -9.31 -16.65
CA GLY A 251 4.37 -9.91 -17.93
C GLY A 251 3.05 -9.41 -18.46
N VAL A 252 2.04 -9.41 -17.59
CA VAL A 252 0.67 -8.98 -17.95
C VAL A 252 0.65 -7.48 -18.20
N GLY A 253 1.44 -6.76 -17.41
CA GLY A 253 1.63 -5.35 -17.59
C GLY A 253 2.18 -5.03 -18.98
N ALA A 254 3.30 -5.67 -19.33
CA ALA A 254 4.00 -5.46 -20.61
C ALA A 254 3.13 -5.77 -21.83
N SER A 255 2.30 -6.80 -21.75
CA SER A 255 1.38 -7.12 -22.83
C SER A 255 0.25 -6.06 -23.01
N LEU A 256 0.01 -5.23 -22.00
CA LEU A 256 -0.97 -4.16 -22.11
C LEU A 256 -0.35 -2.80 -22.40
N GLY A 257 0.91 -2.77 -22.84
CA GLY A 257 1.59 -1.53 -23.17
C GLY A 257 2.12 -0.72 -21.97
N LEU A 258 2.19 -1.34 -20.79
CA LEU A 258 2.73 -0.69 -19.59
C LEU A 258 4.14 -1.21 -19.26
N ARG A 259 5.09 -0.30 -19.14
CA ARG A 259 6.43 -0.61 -18.73
C ARG A 259 6.42 -0.83 -17.20
N VAL A 260 6.46 -2.09 -16.78
CA VAL A 260 6.43 -2.42 -15.37
C VAL A 260 7.70 -3.10 -14.94
N ALA A 261 8.13 -2.80 -13.72
CA ALA A 261 9.13 -3.59 -13.03
C ALA A 261 8.68 -3.86 -11.62
N ALA A 262 9.22 -4.91 -11.02
CA ALA A 262 8.84 -5.28 -9.68
C ALA A 262 10.08 -5.39 -8.84
N ALA A 263 9.95 -5.04 -7.58
CA ALA A 263 10.97 -5.33 -6.59
C ALA A 263 10.39 -6.39 -5.63
N LEU A 264 11.20 -7.38 -5.29
CA LEU A 264 10.88 -8.35 -4.27
C LEU A 264 11.59 -7.96 -2.99
N THR A 265 10.87 -7.79 -1.89
CA THR A 265 11.44 -7.38 -0.60
C THR A 265 10.91 -8.19 0.57
N ALA A 266 11.81 -8.82 1.32
CA ALA A 266 11.41 -9.69 2.44
C ALA A 266 11.02 -8.85 3.64
N MET A 267 9.71 -8.72 3.86
CA MET A 267 9.13 -8.02 5.01
C MET A 267 8.41 -9.01 5.95
N ASP A 268 9.20 -9.67 6.81
CA ASP A 268 8.68 -10.43 7.95
C ASP A 268 8.55 -9.57 9.23
N LYS A 269 9.08 -8.36 9.19
CA LYS A 269 9.05 -7.42 10.32
C LYS A 269 8.35 -6.18 9.80
N PRO A 270 7.80 -5.34 10.66
CA PRO A 270 7.14 -4.12 10.18
C PRO A 270 8.13 -3.10 9.69
N LEU A 271 7.79 -2.32 8.67
CA LEU A 271 8.66 -1.23 8.21
C LEU A 271 8.54 -0.06 9.16
N GLY A 272 9.70 0.39 9.65
CA GLY A 272 9.83 1.45 10.60
C GLY A 272 9.33 1.09 11.99
N ARG A 273 8.73 2.06 12.65
CA ARG A 273 8.40 1.93 14.03
C ARG A 273 6.93 2.02 14.30
N CYS A 274 6.11 2.15 13.27
CA CYS A 274 4.70 2.48 13.41
C CYS A 274 3.78 1.66 12.51
N VAL A 275 2.61 1.31 13.05
CA VAL A 275 1.58 0.59 12.36
C VAL A 275 0.23 1.19 12.76
N GLY A 276 -0.57 1.59 11.78
CA GLY A 276 -1.75 2.36 12.05
C GLY A 276 -2.09 3.25 10.89
N HIS A 277 -2.70 4.37 11.22
CA HIS A 277 -3.22 5.26 10.20
C HIS A 277 -2.62 6.59 10.55
N ALA A 278 -3.05 7.22 11.63
CA ALA A 278 -2.43 8.43 12.13
C ALA A 278 -0.94 8.24 12.47
N LEU A 279 -0.58 7.10 13.05
CA LEU A 279 0.84 6.87 13.43
C LEU A 279 1.80 6.81 12.21
N GLU A 280 1.31 6.26 11.12
CA GLU A 280 2.06 6.17 9.89
C GLU A 280 2.12 7.49 9.09
N VAL A 281 1.10 8.34 9.17
CA VAL A 281 1.21 9.69 8.61
C VAL A 281 2.32 10.42 9.34
N GLU A 282 2.32 10.30 10.67
CA GLU A 282 3.34 10.91 11.52
C GLU A 282 4.77 10.49 11.19
N GLU A 283 4.95 9.22 10.91
CA GLU A 283 6.29 8.72 10.63
C GLU A 283 6.66 9.05 9.20
N ALA A 284 5.70 9.03 8.28
CA ALA A 284 6.02 9.44 6.93
C ALA A 284 6.47 10.92 6.91
N LEU A 285 5.88 11.78 7.76
CA LEU A 285 6.33 13.16 7.90
C LEU A 285 7.75 13.20 8.47
N LEU A 286 8.03 12.39 9.47
CA LEU A 286 9.39 12.28 10.04
C LEU A 286 10.40 11.96 8.91
N CYS A 287 10.08 10.98 8.08
CA CYS A 287 10.89 10.65 6.90
C CYS A 287 11.05 11.88 6.01
N MET A 288 9.99 12.67 5.81
CA MET A 288 10.03 13.86 4.95
C MET A 288 10.75 15.09 5.58
N ASP A 289 11.03 15.02 6.89
CA ASP A 289 11.88 15.94 7.62
C ASP A 289 13.33 15.52 7.44
N GLY A 290 13.56 14.41 6.73
CA GLY A 290 14.89 13.86 6.59
C GLY A 290 15.39 13.06 7.80
N ALA A 291 14.48 12.71 8.70
CA ALA A 291 14.74 11.81 9.81
C ALA A 291 14.01 10.48 9.63
N GLY A 292 13.60 9.88 10.75
CA GLY A 292 12.79 8.69 10.70
C GLY A 292 13.73 7.50 10.76
N PRO A 293 13.16 6.30 10.82
CA PRO A 293 13.99 5.08 10.84
C PRO A 293 14.69 4.80 9.48
N PRO A 294 15.90 4.25 9.56
CA PRO A 294 16.71 3.94 8.38
C PRO A 294 16.12 2.94 7.41
N ASP A 295 15.33 1.98 7.87
CA ASP A 295 14.71 1.03 6.94
C ASP A 295 13.62 1.70 6.08
N LEU A 296 12.81 2.57 6.66
CA LEU A 296 11.81 3.27 5.87
C LEU A 296 12.45 4.15 4.81
N ARG A 297 13.47 4.90 5.21
CA ARG A 297 14.20 5.77 4.30
C ARG A 297 14.86 4.98 3.19
N ASP A 298 15.51 3.86 3.55
CA ASP A 298 16.16 3.00 2.58
C ASP A 298 15.24 2.48 1.47
N LEU A 299 14.06 2.05 1.85
CA LEU A 299 13.13 1.49 0.87
C LEU A 299 12.51 2.61 0.01
N VAL A 300 12.24 3.77 0.60
CA VAL A 300 11.81 4.96 -0.17
C VAL A 300 12.83 5.32 -1.26
N THR A 301 14.11 5.43 -0.92
CA THR A 301 15.14 5.78 -1.92
C THR A 301 15.39 4.66 -2.96
N THR A 302 15.44 3.41 -2.48
CA THR A 302 15.60 2.22 -3.34
C THR A 302 14.50 2.13 -4.39
N LEU A 303 13.27 2.24 -3.93
CA LEU A 303 12.08 2.10 -4.81
C LEU A 303 11.83 3.31 -5.72
N GLY A 304 12.07 4.51 -5.22
CA GLY A 304 11.95 5.73 -6.03
C GLY A 304 13.07 5.86 -7.03
N GLY A 305 14.26 5.48 -6.56
CA GLY A 305 15.43 5.39 -7.41
C GLY A 305 15.16 4.52 -8.60
N ALA A 306 14.83 3.26 -8.34
CA ALA A 306 14.37 2.29 -9.36
C ALA A 306 13.39 2.88 -10.36
N LEU A 307 12.41 3.61 -9.82
CA LEU A 307 11.34 4.19 -10.63
C LEU A 307 11.86 5.30 -11.56
N LEU A 308 12.77 6.10 -11.04
CA LEU A 308 13.38 7.18 -11.80
C LEU A 308 14.25 6.58 -12.91
N TRP A 309 15.00 5.54 -12.58
CA TRP A 309 15.79 4.84 -13.59
C TRP A 309 14.90 4.27 -14.72
N LEU A 310 13.84 3.57 -14.35
CA LEU A 310 12.91 2.91 -15.28
C LEU A 310 12.22 3.94 -16.15
N SER A 311 11.91 5.08 -15.59
CA SER A 311 11.23 6.14 -16.34
C SER A 311 12.21 6.99 -17.15
N GLY A 312 13.52 6.81 -16.95
CA GLY A 312 14.56 7.45 -17.74
C GLY A 312 14.98 8.80 -17.23
N HIS A 313 14.70 9.06 -15.95
CA HIS A 313 15.06 10.32 -15.30
C HIS A 313 16.28 10.17 -14.43
N ALA A 314 16.76 8.93 -14.32
CA ALA A 314 18.06 8.69 -13.70
C ALA A 314 18.84 7.66 -14.51
N GLY A 315 20.15 7.85 -14.63
CA GLY A 315 20.98 6.93 -15.38
C GLY A 315 21.24 5.62 -14.65
N THR A 316 21.32 5.68 -13.31
CA THR A 316 21.55 4.50 -12.46
C THR A 316 20.66 4.50 -11.21
N GLN A 317 20.58 3.34 -10.56
CA GLN A 317 19.91 3.16 -9.27
C GLN A 317 20.42 4.11 -8.17
N ALA A 318 21.73 4.16 -7.99
CA ALA A 318 22.34 5.07 -7.01
C ALA A 318 22.07 6.55 -7.31
N GLN A 319 22.23 6.98 -8.57
CA GLN A 319 21.86 8.34 -8.96
C GLN A 319 20.38 8.61 -8.63
N GLY A 320 19.50 7.68 -8.97
CA GLY A 320 18.10 7.80 -8.68
C GLY A 320 17.86 7.86 -7.18
N ALA A 321 18.57 7.02 -6.44
CA ALA A 321 18.30 6.88 -5.00
C ALA A 321 18.72 8.16 -4.33
N ALA A 322 19.83 8.74 -4.75
CA ALA A 322 20.31 10.02 -4.26
C ALA A 322 19.43 11.25 -4.64
N ARG A 323 18.78 11.21 -5.79
CA ARG A 323 17.86 12.26 -6.19
C ARG A 323 16.68 12.28 -5.19
N VAL A 324 16.13 11.10 -4.92
CA VAL A 324 15.02 10.95 -3.98
C VAL A 324 15.45 11.30 -2.54
N ALA A 325 16.63 10.83 -2.13
CA ALA A 325 17.19 11.19 -0.83
C ALA A 325 17.31 12.72 -0.64
N ALA A 326 17.78 13.40 -1.66
CA ALA A 326 17.94 14.87 -1.61
C ALA A 326 16.62 15.62 -1.44
N ALA A 327 15.53 15.07 -1.98
CA ALA A 327 14.22 15.62 -1.79
C ALA A 327 13.68 15.44 -0.36
N LEU A 328 14.04 14.32 0.27
CA LEU A 328 13.70 14.11 1.67
C LEU A 328 14.44 15.04 2.61
N ASP A 329 15.62 15.50 2.22
CA ASP A 329 16.54 16.28 3.07
C ASP A 329 16.41 17.78 2.93
N ASP A 330 16.01 18.22 1.76
CA ASP A 330 15.92 19.64 1.47
C ASP A 330 14.51 20.20 1.68
N GLY A 331 13.64 19.42 2.29
CA GLY A 331 12.29 19.89 2.59
C GLY A 331 11.33 19.96 1.41
N SER A 332 11.79 19.62 0.22
CA SER A 332 10.93 19.76 -0.94
C SER A 332 9.88 18.64 -1.07
N ALA A 333 10.18 17.41 -0.66
CA ALA A 333 9.15 16.37 -0.66
C ALA A 333 8.00 16.81 0.25
N LEU A 334 8.38 17.24 1.45
CA LEU A 334 7.45 17.77 2.45
C LEU A 334 6.58 18.87 1.88
N GLY A 335 7.18 19.81 1.16
CA GLY A 335 6.43 20.88 0.51
C GLY A 335 5.43 20.37 -0.52
N ARG A 336 5.79 19.35 -1.29
CA ARG A 336 4.82 18.78 -2.22
C ARG A 336 3.66 18.12 -1.51
N PHE A 337 3.94 17.55 -0.33
CA PHE A 337 2.95 16.81 0.46
C PHE A 337 1.91 17.77 1.03
N GLU A 338 2.38 18.92 1.48
CA GLU A 338 1.50 19.98 1.94
C GLU A 338 0.57 20.52 0.83
N ARG A 339 1.12 20.75 -0.38
CA ARG A 339 0.33 21.07 -1.56
C ARG A 339 -0.69 19.99 -1.81
N MET A 340 -0.26 18.74 -1.73
CA MET A 340 -1.21 17.64 -1.99
C MET A 340 -2.36 17.64 -0.97
N LEU A 341 -2.02 17.85 0.30
CA LEU A 341 -3.02 17.79 1.35
C LEU A 341 -4.06 18.87 1.11
N ALA A 342 -3.60 20.10 0.92
CA ALA A 342 -4.52 21.27 0.74
C ALA A 342 -5.36 21.13 -0.52
N ALA A 343 -4.72 20.66 -1.57
CA ALA A 343 -5.40 20.40 -2.84
C ALA A 343 -6.47 19.30 -2.79
N GLN A 344 -6.36 18.35 -1.85
CA GLN A 344 -7.39 17.33 -1.64
C GLN A 344 -8.28 17.64 -0.45
N GLY A 345 -8.35 18.91 -0.03
CA GLY A 345 -9.37 19.33 0.91
C GLY A 345 -8.99 19.51 2.37
N VAL A 346 -7.75 19.22 2.75
CA VAL A 346 -7.28 19.59 4.08
C VAL A 346 -7.20 21.13 4.19
N ASP A 347 -7.79 21.69 5.25
CA ASP A 347 -7.73 23.14 5.50
C ASP A 347 -6.26 23.60 5.39
N PRO A 348 -5.99 24.69 4.66
CA PRO A 348 -4.59 25.05 4.34
C PRO A 348 -3.79 25.36 5.59
N GLY A 349 -4.46 25.96 6.57
CA GLY A 349 -3.85 26.29 7.83
C GLY A 349 -3.41 25.03 8.53
N LEU A 350 -4.28 24.02 8.50
CA LEU A 350 -3.99 22.71 9.11
C LEU A 350 -2.86 21.93 8.38
N ALA A 351 -2.83 21.94 7.05
CA ALA A 351 -1.72 21.40 6.26
C ALA A 351 -0.36 22.00 6.59
N ARG A 352 -0.25 23.35 6.65
CA ARG A 352 0.95 24.06 7.12
C ARG A 352 1.37 23.66 8.55
N ALA A 353 0.44 23.67 9.49
CA ALA A 353 0.76 23.27 10.85
C ALA A 353 1.29 21.84 10.92
N LEU A 354 0.85 20.98 10.00
CA LEU A 354 1.20 19.56 10.07
C LEU A 354 2.61 19.41 9.53
N CYS A 355 2.86 19.97 8.35
CA CYS A 355 4.16 19.84 7.71
C CYS A 355 5.27 20.61 8.41
N SER A 356 4.97 21.81 8.87
CA SER A 356 5.88 22.64 9.68
C SER A 356 5.95 22.32 11.19
N GLY A 357 4.95 21.65 11.75
CA GLY A 357 4.99 21.40 13.18
C GLY A 357 6.10 20.46 13.60
N SER A 358 6.32 20.36 14.92
CA SER A 358 7.21 19.35 15.50
C SER A 358 6.50 17.98 15.57
N PRO A 359 7.22 16.87 15.65
CA PRO A 359 6.58 15.60 16.02
C PRO A 359 5.43 15.72 17.04
N ALA A 360 5.66 16.43 18.14
CA ALA A 360 4.69 16.57 19.20
C ALA A 360 3.48 17.33 18.69
N GLU A 361 3.71 18.41 17.97
CA GLU A 361 2.60 19.19 17.43
C GLU A 361 1.76 18.34 16.44
N ARG A 362 2.42 17.42 15.72
CA ARG A 362 1.68 16.56 14.78
C ARG A 362 0.82 15.53 15.52
N ARG A 363 1.32 14.96 16.61
CA ARG A 363 0.51 14.04 17.44
C ARG A 363 -0.76 14.65 18.08
N GLN A 364 -0.80 15.97 18.33
CA GLN A 364 -2.01 16.66 18.80
C GLN A 364 -2.98 17.07 17.68
N LEU A 365 -2.46 17.29 16.48
CA LEU A 365 -3.28 17.68 15.34
C LEU A 365 -3.97 16.46 14.66
N LEU A 366 -3.50 15.23 14.96
CA LEU A 366 -4.02 14.03 14.31
C LEU A 366 -4.68 13.12 15.32
N PRO A 367 -5.65 12.33 14.90
CA PRO A 367 -6.29 11.37 15.82
C PRO A 367 -5.29 10.68 16.70
N ARG A 368 -5.57 10.75 17.99
CA ARG A 368 -4.97 9.82 18.94
C ARG A 368 -6.06 8.83 19.35
N ALA A 369 -5.61 7.75 19.93
CA ALA A 369 -6.50 6.78 20.51
C ALA A 369 -6.95 7.27 21.89
N ARG A 370 -8.07 6.73 22.33
CA ARG A 370 -8.63 7.03 23.64
C ARG A 370 -7.59 6.83 24.73
N GLU A 371 -6.96 5.66 24.70
CA GLU A 371 -5.92 5.35 25.67
C GLU A 371 -4.73 4.68 24.98
N GLN A 372 -3.62 4.68 25.70
CA GLN A 372 -2.38 3.99 25.33
C GLN A 372 -1.98 2.97 26.39
N GLU A 373 -1.45 1.84 25.95
CA GLU A 373 -0.98 0.78 26.85
C GLU A 373 0.35 0.21 26.37
N GLU A 374 1.37 0.25 27.22
CA GLU A 374 2.67 -0.31 26.91
C GLU A 374 2.73 -1.79 27.30
N LEU A 375 3.51 -2.57 26.56
CA LEU A 375 3.75 -3.98 26.87
C LEU A 375 5.20 -4.13 27.23
N LEU A 376 5.48 -4.99 28.18
CA LEU A 376 6.81 -5.10 28.78
C LEU A 376 7.55 -6.39 28.38
N ALA A 377 8.85 -6.27 28.15
CA ALA A 377 9.73 -7.43 27.97
C ALA A 377 9.49 -8.46 29.10
N PRO A 378 9.36 -9.75 28.79
CA PRO A 378 9.19 -10.75 29.86
C PRO A 378 10.53 -11.07 30.55
N ALA A 379 11.61 -11.06 29.76
CA ALA A 379 12.95 -11.41 30.24
C ALA A 379 14.05 -10.68 29.48
N ASP A 380 15.28 -10.78 29.97
CA ASP A 380 16.43 -10.18 29.30
C ASP A 380 16.62 -10.91 27.98
N GLY A 381 17.20 -10.21 27.02
CA GLY A 381 17.32 -10.70 25.66
C GLY A 381 17.73 -9.64 24.66
N THR A 382 18.09 -10.10 23.47
CA THR A 382 18.45 -9.25 22.36
C THR A 382 17.35 -9.38 21.33
N VAL A 383 16.81 -8.25 20.87
CA VAL A 383 15.75 -8.30 19.87
C VAL A 383 16.27 -8.86 18.54
N GLU A 384 15.80 -10.04 18.18
CA GLU A 384 16.07 -10.58 16.87
C GLU A 384 15.09 -9.99 15.86
N LEU A 385 13.78 -10.00 16.17
CA LEU A 385 12.80 -9.22 15.37
C LEU A 385 11.47 -9.08 16.08
N VAL A 386 10.61 -8.17 15.59
CA VAL A 386 9.20 -8.15 15.89
C VAL A 386 8.47 -8.72 14.67
N ARG A 387 7.62 -9.71 14.93
CA ARG A 387 6.94 -10.46 13.87
C ARG A 387 5.72 -9.66 13.39
N ALA A 388 5.57 -9.55 12.08
CA ALA A 388 4.63 -8.61 11.48
C ALA A 388 3.21 -9.10 11.61
N LEU A 389 3.01 -10.37 11.29
CA LEU A 389 1.70 -10.97 11.24
C LEU A 389 0.89 -10.99 12.58
N PRO A 390 1.46 -11.45 13.72
CA PRO A 390 0.73 -11.38 15.00
C PRO A 390 0.26 -9.97 15.35
N LEU A 391 1.09 -9.00 15.01
CA LEU A 391 0.82 -7.60 15.24
C LEU A 391 -0.35 -7.08 14.42
N ALA A 392 -0.31 -7.35 13.12
CA ALA A 392 -1.38 -6.97 12.22
C ALA A 392 -2.72 -7.62 12.59
N LEU A 393 -2.70 -8.91 12.95
CA LEU A 393 -3.91 -9.62 13.35
C LEU A 393 -4.52 -8.96 14.57
N VAL A 394 -3.72 -8.72 15.61
CA VAL A 394 -4.27 -8.12 16.82
C VAL A 394 -4.83 -6.70 16.55
N LEU A 395 -4.17 -5.90 15.74
CA LEU A 395 -4.59 -4.51 15.50
C LEU A 395 -5.79 -4.41 14.58
N HIS A 396 -5.98 -5.42 13.72
CA HIS A 396 -7.17 -5.53 12.90
C HIS A 396 -8.35 -5.81 13.80
N GLU A 397 -8.09 -6.58 14.86
CA GLU A 397 -9.10 -6.84 15.87
C GLU A 397 -9.51 -5.53 16.53
N LEU A 398 -8.52 -4.78 17.04
CA LEU A 398 -8.78 -3.55 17.79
C LEU A 398 -9.16 -2.39 16.88
N GLY A 399 -8.82 -2.52 15.60
CA GLY A 399 -9.12 -1.50 14.58
C GLY A 399 -10.56 -1.64 14.11
N ALA A 400 -11.13 -2.82 14.33
CA ALA A 400 -12.51 -3.17 13.96
C ALA A 400 -13.51 -2.46 14.89
N LEU A 407 -13.64 2.92 10.27
CA LEU A 407 -12.38 2.56 10.89
C LEU A 407 -11.96 3.52 12.00
N ARG A 408 -11.15 3.05 12.93
CA ARG A 408 -10.65 3.88 14.05
C ARG A 408 -9.22 4.29 13.72
N LEU A 409 -9.02 5.60 13.52
CA LEU A 409 -7.83 6.09 12.83
C LEU A 409 -6.67 6.48 13.77
N GLY A 410 -6.94 6.45 15.08
CA GLY A 410 -5.92 6.61 16.10
C GLY A 410 -5.37 5.27 16.65
N VAL A 411 -6.08 4.18 16.39
CA VAL A 411 -5.63 2.85 16.78
C VAL A 411 -4.43 2.40 15.93
N GLY A 412 -3.54 1.64 16.58
CA GLY A 412 -2.23 1.34 16.06
C GLY A 412 -1.24 0.92 17.13
N ALA A 413 -0.02 0.64 16.70
CA ALA A 413 1.05 0.34 17.63
C ALA A 413 2.32 1.01 17.22
N GLU A 414 3.17 1.10 18.22
CA GLU A 414 4.41 1.80 18.15
C GLU A 414 5.51 0.89 18.68
N LEU A 415 6.51 0.59 17.86
CA LEU A 415 7.67 -0.21 18.30
C LEU A 415 8.70 0.67 18.95
N LEU A 416 8.98 0.39 20.23
CA LEU A 416 9.88 1.16 21.08
C LEU A 416 11.29 0.58 21.13
N VAL A 417 11.49 -0.60 20.54
CA VAL A 417 12.81 -1.20 20.41
C VAL A 417 13.18 -1.46 18.94
N ASP A 418 14.49 -1.55 18.70
CA ASP A 418 15.06 -1.85 17.40
C ASP A 418 15.57 -3.30 17.35
N VAL A 419 15.64 -3.84 16.15
CA VAL A 419 16.40 -5.07 15.91
C VAL A 419 17.85 -4.86 16.38
N GLY A 420 18.44 -5.87 16.99
CA GLY A 420 19.82 -5.79 17.46
C GLY A 420 20.01 -5.27 18.87
N GLN A 421 19.03 -4.56 19.38
CA GLN A 421 19.09 -4.00 20.73
C GLN A 421 19.01 -5.05 21.86
N ARG A 422 19.85 -4.89 22.87
CA ARG A 422 19.78 -5.74 24.04
C ARG A 422 18.86 -5.07 25.03
N LEU A 423 17.76 -5.72 25.43
CA LEU A 423 16.86 -5.13 26.44
C LEU A 423 16.81 -6.00 27.69
N ARG A 424 16.46 -5.35 28.79
CA ARG A 424 16.42 -6.00 30.09
C ARG A 424 14.98 -6.42 30.35
N ARG A 425 14.76 -7.20 31.39
CA ARG A 425 13.40 -7.54 31.77
C ARG A 425 12.68 -6.25 32.18
N GLY A 426 11.42 -6.12 31.79
CA GLY A 426 10.58 -5.02 32.24
C GLY A 426 10.56 -3.79 31.36
N THR A 427 11.50 -3.65 30.42
CA THR A 427 11.51 -2.45 29.57
C THR A 427 10.44 -2.46 28.46
N PRO A 428 9.67 -1.38 28.31
CA PRO A 428 8.64 -1.26 27.28
C PRO A 428 9.12 -1.54 25.87
N TRP A 429 8.38 -2.33 25.09
CA TRP A 429 8.81 -2.65 23.73
C TRP A 429 7.75 -2.33 22.65
N LEU A 430 6.48 -2.24 23.09
CA LEU A 430 5.33 -1.89 22.27
C LEU A 430 4.43 -0.93 23.02
N ARG A 431 3.95 0.08 22.31
CA ARG A 431 2.93 0.96 22.84
C ARG A 431 1.72 0.90 21.92
N VAL A 432 0.68 0.27 22.44
CA VAL A 432 -0.56 0.10 21.71
C VAL A 432 -1.51 1.21 22.04
N HIS A 433 -1.94 1.88 20.97
CA HIS A 433 -2.95 2.94 20.99
C HIS A 433 -4.26 2.25 20.63
N ARG A 434 -5.20 2.24 21.58
CA ARG A 434 -6.47 1.53 21.43
C ARG A 434 -7.65 2.35 21.91
N ASP A 435 -8.81 2.14 21.30
CA ASP A 435 -10.07 2.77 21.70
C ASP A 435 -10.90 1.98 22.73
N GLY A 436 -10.84 0.65 22.65
CA GLY A 436 -11.54 -0.21 23.59
C GLY A 436 -10.85 -0.29 24.95
N PRO A 437 -11.14 -1.37 25.68
CA PRO A 437 -10.58 -1.55 27.02
C PRO A 437 -9.16 -2.10 27.02
N ALA A 438 -8.53 -2.08 28.20
CA ALA A 438 -7.31 -2.82 28.43
C ALA A 438 -7.30 -4.11 27.63
N LEU A 439 -6.17 -4.38 27.00
CA LEU A 439 -6.01 -5.57 26.18
C LEU A 439 -6.35 -6.77 27.03
N SER A 440 -7.13 -7.69 26.48
CA SER A 440 -7.47 -8.96 27.15
C SER A 440 -6.24 -9.83 27.32
N GLY A 441 -6.32 -10.78 28.26
CA GLY A 441 -5.33 -11.82 28.42
C GLY A 441 -4.82 -12.41 27.09
N PRO A 442 -5.74 -12.97 26.28
CA PRO A 442 -5.43 -13.44 24.93
C PRO A 442 -4.71 -12.44 24.03
N GLN A 443 -5.35 -11.33 23.61
CA GLN A 443 -4.72 -10.41 22.63
C GLN A 443 -3.33 -9.92 23.10
N SER A 444 -3.17 -9.77 24.41
CA SER A 444 -1.88 -9.49 25.03
C SER A 444 -0.80 -10.58 24.78
N ARG A 445 -1.19 -11.84 24.96
CA ARG A 445 -0.30 -12.98 24.71
C ARG A 445 0.06 -13.02 23.24
N ALA A 446 -0.94 -12.78 22.40
CA ALA A 446 -0.79 -12.79 20.96
C ALA A 446 0.19 -11.72 20.47
N LEU A 447 0.18 -10.54 21.08
CA LEU A 447 1.18 -9.53 20.72
C LEU A 447 2.55 -9.93 21.26
N GLN A 448 2.56 -10.54 22.43
CA GLN A 448 3.79 -10.89 23.14
C GLN A 448 4.60 -11.94 22.37
N GLU A 449 3.90 -12.74 21.55
CA GLU A 449 4.52 -13.75 20.68
C GLU A 449 5.24 -13.08 19.50
N ALA A 450 4.74 -11.93 19.08
CA ALA A 450 5.42 -11.12 18.07
C ALA A 450 6.87 -10.86 18.44
N LEU A 451 7.19 -10.72 19.74
CA LEU A 451 8.56 -10.34 20.18
C LEU A 451 9.51 -11.52 20.33
N VAL A 452 10.61 -11.49 19.61
CA VAL A 452 11.50 -12.63 19.47
C VAL A 452 12.89 -12.25 19.96
N LEU A 453 13.30 -12.85 21.07
CA LEU A 453 14.54 -12.46 21.74
C LEU A 453 15.56 -13.56 21.56
N SER A 454 16.83 -13.23 21.37
CA SER A 454 17.84 -14.31 21.45
C SER A 454 18.82 -14.07 22.61
N ASP A 455 19.76 -15.00 22.77
CA ASP A 455 20.95 -14.79 23.59
C ASP A 455 22.13 -14.34 22.72
N ARG A 456 21.86 -13.81 21.52
CA ARG A 456 22.94 -13.36 20.66
C ARG A 456 23.42 -12.04 21.18
N ALA A 457 24.72 -11.84 21.13
CA ALA A 457 25.32 -10.55 21.43
C ALA A 457 24.59 -9.46 20.63
N PRO A 458 24.48 -8.26 21.19
CA PRO A 458 23.91 -7.12 20.44
C PRO A 458 24.58 -6.90 19.06
N PHE A 459 23.89 -6.21 18.15
CA PHE A 459 24.36 -5.95 16.79
C PHE A 459 23.57 -4.81 16.16
N ALA A 460 24.06 -4.30 15.04
CA ALA A 460 23.38 -3.19 14.37
C ALA A 460 22.34 -3.78 13.48
N ALA A 461 21.16 -3.15 13.45
CA ALA A 461 20.02 -3.60 12.64
C ALA A 461 20.35 -3.50 11.14
N PRO A 462 20.35 -4.63 10.41
CA PRO A 462 20.59 -4.60 8.96
C PRO A 462 19.45 -3.92 8.23
N LEU A 463 19.72 -3.53 6.99
CA LEU A 463 18.72 -2.89 6.15
C LEU A 463 17.89 -3.96 5.44
N PRO A 464 16.70 -3.61 4.96
CA PRO A 464 15.81 -4.58 4.32
C PRO A 464 16.35 -5.11 2.99
N PHE A 465 15.83 -6.26 2.56
CA PHE A 465 16.26 -6.94 1.33
C PHE A 465 15.52 -6.42 0.07
N ALA A 466 16.23 -6.17 -1.02
CA ALA A 466 15.60 -5.81 -2.30
C ALA A 466 16.22 -6.54 -3.51
N GLU A 467 15.40 -6.76 -4.52
CA GLU A 467 15.82 -7.46 -5.72
C GLU A 467 14.84 -7.09 -6.83
N LEU A 468 15.36 -6.58 -7.93
CA LEU A 468 14.49 -6.14 -9.00
C LEU A 468 14.11 -7.27 -9.94
N VAL A 469 13.01 -7.06 -10.67
CA VAL A 469 12.51 -7.96 -11.70
C VAL A 469 12.04 -7.09 -12.87
N LEU A 470 12.60 -7.31 -14.04
CA LEU A 470 12.29 -6.51 -15.22
C LEU A 470 11.38 -7.26 -16.16
N PRO A 471 10.83 -6.54 -17.15
CA PRO A 471 10.10 -7.20 -18.26
C PRO A 471 11.03 -8.03 -19.18
N PRO A 472 10.78 -9.33 -19.35
CA PRO A 472 11.61 -10.17 -20.25
C PRO A 472 11.32 -9.97 -21.75
CL1 CMU B . -3.33 -7.38 -2.85
C2 CMU B . -3.80 -5.87 -3.54
C3 CMU B . -3.16 -4.71 -3.21
C4 CMU B . -2.03 -4.65 -2.18
N5 CMU B . -2.54 -3.81 -1.06
C6 CMU B . -3.82 -4.03 -0.35
C7 CMU B . -3.80 -3.09 0.88
C8 CMU B . -2.68 -2.04 0.63
C9 CMU B . -1.91 -2.71 -0.52
N10 CMU B . -0.75 -2.29 -0.94
N11 CMU B . -3.60 -3.56 -3.81
C12 CMU B . -4.62 -3.53 -4.70
O13 CMU B . -4.95 -2.46 -5.18
N14 CMU B . -5.27 -4.67 -5.02
C15 CMU B . -4.86 -5.82 -4.49
O16 CMU B . -5.42 -6.84 -4.80
#